data_3IFL
#
_entry.id   3IFL
#
_cell.length_a   42.97
_cell.length_b   85.98
_cell.length_c   57.45
_cell.angle_alpha   90.00
_cell.angle_beta   94.67
_cell.angle_gamma   90.00
#
_symmetry.space_group_name_H-M   'P 1 21 1'
#
loop_
_entity.id
_entity.type
_entity.pdbx_description
1 polymer '12A11 FAB antibody light chain'
2 polymer '12A11 FAB antibody heavy chain'
3 polymer 'Amyloid beta A4 protein'
4 water water
#
loop_
_entity_poly.entity_id
_entity_poly.type
_entity_poly.pdbx_seq_one_letter_code
_entity_poly.pdbx_strand_id
1 'polypeptide(L)'
;DVLMTQTPLSLPVSLGDQASISCRSSQSIVHSNGNTYLEWYLQKPGQSPKLLIYKVSNRFSGVPDRFSGSGSGTDFTLKI
SRVEAEDLGIYYCFQSSHVPLTFGAGTKLELKGADAAPTVSIFPPSSEQLTSGGASVVCFLNNFYPKDINVKWKIDGSER
QNGVLNSWTDQDSKDSTYSMSSTLTLTKDEYERHNSYTCEATHKTSTSPIVKSFNRNEC
;
L
2 'polypeptide(L)'
;QVTLKESGPGILKPSQTLSLTCSFSGFSLSTSGMSVGWIRQPSGKGLEWLAHIWWDDDKYYNPSLKSRLTISKDTSRNQV
FLKITSVDTADTATYYCARRTTTADYFAYWGQGTTLTVSSAKTTPPSVYPLAPGSAAQTNSMVTLGCLVKGYFPEPVTVT
WNSGSLSSGVHTFPAVLQSDLYTLSSSVTVPSSTWPSETVTCNVAHPASSTKVDKKIVPRDC
;
H
3 'polypeptide(L)' DAEFRHD P
#
# COMPACT_ATOMS: atom_id res chain seq x y z
N ASP A 1 -3.16 -15.45 -19.06
CA ASP A 1 -2.14 -15.41 -17.97
C ASP A 1 -2.43 -16.53 -16.97
N VAL A 2 -1.38 -17.03 -16.32
CA VAL A 2 -1.56 -17.99 -15.24
C VAL A 2 -1.95 -17.25 -13.96
N LEU A 3 -3.15 -17.54 -13.45
CA LEU A 3 -3.63 -16.90 -12.25
C LEU A 3 -3.13 -17.67 -11.03
N MET A 4 -2.56 -16.95 -10.07
CA MET A 4 -2.05 -17.54 -8.86
C MET A 4 -2.97 -17.09 -7.73
N THR A 5 -3.73 -18.03 -7.17
CA THR A 5 -4.70 -17.69 -6.14
C THR A 5 -4.20 -18.12 -4.77
N GLN A 6 -3.95 -17.14 -3.90
CA GLN A 6 -3.54 -17.39 -2.53
C GLN A 6 -4.73 -17.42 -1.59
N THR A 7 -4.71 -18.37 -0.67
CA THR A 7 -5.74 -18.52 0.37
CA THR A 7 -5.70 -18.39 0.39
C THR A 7 -5.04 -18.78 1.71
N PRO A 8 -5.35 -18.01 2.77
CA PRO A 8 -6.24 -16.86 2.77
C PRO A 8 -5.46 -15.61 2.34
N LEU A 9 -6.13 -14.49 2.13
CA LEU A 9 -5.44 -13.24 1.83
C LEU A 9 -4.99 -12.50 3.09
N SER A 10 -5.65 -12.81 4.22
CA SER A 10 -5.22 -12.32 5.52
CA SER A 10 -5.23 -12.32 5.52
C SER A 10 -5.18 -13.50 6.48
N LEU A 11 -4.07 -13.61 7.21
CA LEU A 11 -3.90 -14.74 8.11
C LEU A 11 -3.45 -14.24 9.49
N PRO A 12 -4.41 -14.09 10.41
CA PRO A 12 -4.06 -13.70 11.78
CA PRO A 12 -4.09 -13.70 11.79
C PRO A 12 -3.51 -14.87 12.57
N VAL A 13 -2.38 -14.65 13.22
CA VAL A 13 -1.75 -15.71 14.03
C VAL A 13 -1.27 -15.17 15.36
N SER A 14 -1.05 -16.07 16.31
CA SER A 14 -0.36 -15.72 17.54
C SER A 14 1.10 -16.12 17.36
N LEU A 15 2.03 -15.36 17.93
CA LEU A 15 3.43 -15.75 17.90
C LEU A 15 3.57 -17.17 18.40
N GLY A 16 4.36 -17.98 17.69
CA GLY A 16 4.57 -19.37 18.06
C GLY A 16 3.67 -20.36 17.33
N ASP A 17 2.59 -19.86 16.72
CA ASP A 17 1.62 -20.69 15.99
C ASP A 17 2.25 -21.25 14.72
N GLN A 18 1.77 -22.40 14.26
CA GLN A 18 2.11 -22.89 12.92
C GLN A 18 1.22 -22.10 11.95
N ALA A 19 1.74 -21.78 10.76
CA ALA A 19 0.95 -21.07 9.75
C ALA A 19 1.15 -21.73 8.39
N SER A 20 0.07 -21.74 7.61
CA SER A 20 0.14 -22.31 6.26
CA SER A 20 0.09 -22.33 6.27
C SER A 20 -0.62 -21.42 5.27
N ILE A 21 -0.02 -21.21 4.10
CA ILE A 21 -0.60 -20.40 3.03
C ILE A 21 -0.66 -21.26 1.77
N SER A 22 -1.84 -21.29 1.16
N SER A 22 -1.84 -21.30 1.15
CA SER A 22 -2.12 -22.04 -0.06
CA SER A 22 -2.03 -22.11 -0.04
C SER A 22 -1.89 -21.16 -1.27
C SER A 22 -2.00 -21.24 -1.29
N CYS A 23 -1.32 -21.73 -2.33
CA CYS A 23 -1.23 -21.03 -3.62
C CYS A 23 -1.67 -22.05 -4.65
N ARG A 24 -2.76 -21.76 -5.35
CA ARG A 24 -3.23 -22.64 -6.42
C ARG A 24 -3.10 -21.94 -7.76
N SER A 25 -2.44 -22.55 -8.72
CA SER A 25 -2.29 -21.95 -10.04
C SER A 25 -3.36 -22.44 -11.01
N SER A 26 -3.73 -21.60 -11.98
CA SER A 26 -4.78 -21.97 -12.92
C SER A 26 -4.32 -23.02 -13.93
N GLN A 27 -3.00 -23.20 -14.07
CA GLN A 27 -2.41 -24.22 -14.93
C GLN A 27 -1.21 -24.77 -14.19
N SER A 28 -0.80 -25.99 -14.52
CA SER A 28 0.39 -26.55 -13.90
C SER A 28 1.64 -25.70 -14.13
N ILE A 29 2.45 -25.59 -13.08
CA ILE A 29 3.68 -24.81 -13.10
C ILE A 29 4.86 -25.67 -13.56
N VAL A 30 4.59 -26.92 -13.95
CA VAL A 30 5.65 -27.73 -14.53
C VAL A 30 6.07 -27.18 -15.89
N HIS A 31 7.37 -26.94 -16.03
CA HIS A 31 7.99 -26.43 -17.25
C HIS A 31 8.41 -27.62 -18.13
N SER A 32 8.60 -27.38 -19.42
CA SER A 32 9.05 -28.43 -20.33
C SER A 32 10.36 -29.09 -19.91
N ASN A 33 11.20 -28.38 -19.15
CA ASN A 33 12.46 -28.99 -18.73
C ASN A 33 12.32 -29.88 -17.50
N GLY A 34 11.10 -30.00 -17.00
CA GLY A 34 10.82 -30.90 -15.88
C GLY A 34 10.83 -30.23 -14.52
N ASN A 35 11.34 -28.99 -14.45
CA ASN A 35 11.34 -28.27 -13.18
C ASN A 35 10.03 -27.54 -12.99
N THR A 36 9.70 -27.25 -11.73
CA THR A 36 8.50 -26.49 -11.42
C THR A 36 8.95 -25.18 -10.76
N TYR A 37 8.87 -24.09 -11.52
CA TYR A 37 9.41 -22.81 -11.09
C TYR A 37 8.42 -21.99 -10.27
N LEU A 38 8.22 -22.46 -9.05
CA LEU A 38 7.33 -21.84 -8.10
C LEU A 38 8.19 -21.29 -6.98
N GLU A 39 8.12 -19.98 -6.78
CA GLU A 39 8.92 -19.28 -5.79
C GLU A 39 8.04 -18.58 -4.76
N TRP A 40 8.57 -18.39 -3.56
CA TRP A 40 7.85 -17.64 -2.52
C TRP A 40 8.74 -16.49 -2.06
N TYR A 41 8.12 -15.31 -1.91
CA TYR A 41 8.77 -14.06 -1.50
C TYR A 41 8.05 -13.47 -0.28
N LEU A 42 8.81 -12.80 0.58
CA LEU A 42 8.25 -12.06 1.71
C LEU A 42 8.58 -10.59 1.56
N GLN A 43 7.58 -9.73 1.66
CA GLN A 43 7.83 -8.31 1.61
C GLN A 43 7.44 -7.69 2.95
N LYS A 44 8.42 -7.07 3.58
CA LYS A 44 8.20 -6.38 4.86
C LYS A 44 8.05 -4.89 4.58
N PRO A 45 7.38 -4.17 5.52
CA PRO A 45 7.21 -2.74 5.37
C PRO A 45 8.53 -2.02 5.13
N GLY A 46 8.57 -1.23 4.06
CA GLY A 46 9.76 -0.46 3.70
C GLY A 46 10.92 -1.26 3.15
N GLN A 47 10.64 -2.47 2.67
CA GLN A 47 11.69 -3.31 2.08
C GLN A 47 11.28 -3.85 0.71
N SER A 48 12.29 -4.20 -0.07
CA SER A 48 12.07 -4.93 -1.31
CA SER A 48 12.12 -4.94 -1.30
C SER A 48 11.69 -6.36 -0.94
N PRO A 49 10.98 -7.05 -1.84
CA PRO A 49 10.67 -8.44 -1.53
C PRO A 49 11.95 -9.26 -1.36
N LYS A 50 11.89 -10.27 -0.50
CA LYS A 50 13.02 -11.15 -0.29
C LYS A 50 12.63 -12.59 -0.59
N LEU A 51 13.54 -13.30 -1.26
CA LEU A 51 13.34 -14.70 -1.63
C LEU A 51 13.35 -15.63 -0.43
N LEU A 52 12.34 -16.50 -0.33
CA LEU A 52 12.31 -17.53 0.69
C LEU A 52 12.55 -18.92 0.12
N ILE A 53 11.80 -19.27 -0.91
CA ILE A 53 11.77 -20.63 -1.43
C ILE A 53 11.81 -20.58 -2.95
N TYR A 54 12.54 -21.48 -3.60
CA TYR A 54 12.51 -21.60 -5.05
C TYR A 54 12.28 -23.06 -5.44
N LYS A 55 11.82 -23.26 -6.67
CA LYS A 55 11.45 -24.57 -7.19
C LYS A 55 10.65 -25.37 -6.16
N VAL A 56 9.59 -24.72 -5.69
CA VAL A 56 8.57 -25.32 -4.83
C VAL A 56 8.99 -25.46 -3.37
N SER A 57 10.16 -26.06 -3.15
CA SER A 57 10.50 -26.53 -1.82
C SER A 57 11.95 -26.36 -1.41
N ASN A 58 12.73 -25.64 -2.22
CA ASN A 58 14.15 -25.42 -1.89
C ASN A 58 14.28 -24.11 -1.15
N ARG A 59 14.76 -24.17 0.09
CA ARG A 59 14.92 -22.99 0.90
C ARG A 59 16.15 -22.20 0.48
N PHE A 60 16.03 -20.90 0.30
CA PHE A 60 17.17 -20.08 -0.11
C PHE A 60 18.16 -19.94 1.04
N SER A 61 19.45 -19.91 0.73
CA SER A 61 20.48 -19.73 1.75
CA SER A 61 20.50 -19.71 1.74
C SER A 61 20.16 -18.56 2.66
N GLY A 62 20.28 -18.79 3.98
CA GLY A 62 20.00 -17.74 4.96
C GLY A 62 18.58 -17.68 5.46
N VAL A 63 17.66 -18.34 4.78
CA VAL A 63 16.29 -18.39 5.24
C VAL A 63 16.16 -19.42 6.35
N PRO A 64 15.56 -19.00 7.48
CA PRO A 64 15.39 -19.89 8.63
C PRO A 64 14.63 -21.18 8.30
N ASP A 65 15.00 -22.26 8.97
CA ASP A 65 14.45 -23.58 8.70
C ASP A 65 12.99 -23.76 9.13
N ARG A 66 12.41 -22.75 9.77
CA ARG A 66 10.99 -22.80 10.11
C ARG A 66 10.13 -22.59 8.85
N PHE A 67 10.76 -22.14 7.77
CA PHE A 67 10.05 -21.99 6.49
C PHE A 67 10.20 -23.22 5.62
N SER A 68 9.10 -23.66 5.04
CA SER A 68 9.18 -24.75 4.07
C SER A 68 8.11 -24.57 3.01
N GLY A 69 8.36 -25.17 1.86
CA GLY A 69 7.42 -25.13 0.76
C GLY A 69 7.17 -26.52 0.26
N SER A 70 5.95 -26.74 -0.20
CA SER A 70 5.60 -28.06 -0.75
C SER A 70 4.56 -27.95 -1.84
N GLY A 71 4.34 -29.08 -2.52
CA GLY A 71 3.26 -29.18 -3.49
C GLY A 71 3.77 -29.60 -4.85
N SER A 72 2.86 -29.64 -5.81
CA SER A 72 3.23 -29.97 -7.18
C SER A 72 2.07 -29.64 -8.10
N GLY A 73 2.39 -29.46 -9.37
CA GLY A 73 1.33 -29.24 -10.36
C GLY A 73 0.71 -27.86 -10.24
N THR A 74 -0.47 -27.84 -9.63
CA THR A 74 -1.21 -26.60 -9.46
C THR A 74 -1.43 -26.26 -8.00
N ASP A 75 -0.93 -27.07 -7.07
CA ASP A 75 -1.26 -26.94 -5.66
CA ASP A 75 -1.25 -26.85 -5.68
C ASP A 75 -0.02 -26.82 -4.79
N PHE A 76 0.17 -25.65 -4.18
CA PHE A 76 1.39 -25.36 -3.44
C PHE A 76 1.07 -24.83 -2.06
N THR A 77 2.00 -25.00 -1.14
CA THR A 77 1.82 -24.53 0.23
C THR A 77 3.13 -23.97 0.77
N LEU A 78 3.03 -22.82 1.46
CA LEU A 78 4.14 -22.31 2.27
C LEU A 78 3.76 -22.56 3.73
N LYS A 79 4.67 -23.16 4.47
CA LYS A 79 4.41 -23.44 5.87
C LYS A 79 5.45 -22.76 6.74
N ILE A 80 5.00 -22.17 7.85
CA ILE A 80 5.91 -21.66 8.88
C ILE A 80 5.68 -22.47 10.15
N SER A 81 6.70 -23.18 10.61
CA SER A 81 6.47 -24.11 11.72
C SER A 81 6.09 -23.43 13.03
N ARG A 82 6.68 -22.26 13.26
CA ARG A 82 6.36 -21.46 14.43
C ARG A 82 6.55 -20.03 13.97
N VAL A 83 5.52 -19.20 14.08
CA VAL A 83 5.64 -17.83 13.61
C VAL A 83 6.39 -16.93 14.60
N GLU A 84 7.41 -16.24 14.11
CA GLU A 84 8.10 -15.22 14.90
C GLU A 84 7.62 -13.85 14.47
N ALA A 85 7.78 -12.85 15.35
CA ALA A 85 7.29 -11.52 15.03
C ALA A 85 7.92 -10.95 13.76
N GLU A 86 9.18 -11.29 13.50
CA GLU A 86 9.86 -10.80 12.30
C GLU A 86 9.29 -11.40 11.02
N ASP A 87 8.42 -12.40 11.16
CA ASP A 87 7.83 -13.06 10.00
C ASP A 87 6.59 -12.33 9.49
N LEU A 88 6.07 -11.39 10.27
CA LEU A 88 4.87 -10.66 9.88
C LEU A 88 5.19 -9.80 8.66
N GLY A 89 4.25 -9.80 7.72
CA GLY A 89 4.48 -9.15 6.45
C GLY A 89 3.61 -9.78 5.39
N ILE A 90 3.93 -9.50 4.13
CA ILE A 90 3.12 -10.00 3.01
CA ILE A 90 3.13 -10.00 3.02
C ILE A 90 3.90 -11.05 2.22
N TYR A 91 3.28 -12.20 2.06
CA TYR A 91 3.88 -13.35 1.38
C TYR A 91 3.28 -13.48 0.00
N TYR A 92 4.13 -13.65 -1.02
CA TYR A 92 3.67 -13.81 -2.39
C TYR A 92 4.20 -15.11 -2.94
N CYS A 93 3.34 -15.90 -3.56
CA CYS A 93 3.84 -16.93 -4.44
C CYS A 93 4.04 -16.33 -5.83
N PHE A 94 4.84 -17.02 -6.64
CA PHE A 94 5.26 -16.49 -7.91
C PHE A 94 5.59 -17.65 -8.82
N GLN A 95 5.07 -17.62 -10.05
CA GLN A 95 5.49 -18.63 -11.01
C GLN A 95 6.31 -18.00 -12.12
N SER A 96 7.42 -18.65 -12.47
CA SER A 96 8.25 -18.15 -13.57
C SER A 96 8.38 -19.18 -14.69
N SER A 97 7.47 -20.14 -14.75
CA SER A 97 7.44 -21.11 -15.86
C SER A 97 6.84 -20.56 -17.13
N HIS A 98 5.82 -19.73 -17.01
CA HIS A 98 5.00 -19.28 -18.14
C HIS A 98 5.04 -17.79 -18.27
N VAL A 99 5.05 -17.29 -19.50
CA VAL A 99 4.98 -15.86 -19.76
C VAL A 99 3.53 -15.40 -19.95
N PRO A 100 3.11 -14.35 -19.23
CA PRO A 100 3.87 -13.53 -18.28
C PRO A 100 4.10 -14.20 -16.94
N LEU A 101 5.25 -13.91 -16.34
N LEU A 101 5.25 -13.91 -16.34
CA LEU A 101 5.57 -14.39 -14.99
CA LEU A 101 5.53 -14.39 -15.00
C LEU A 101 4.58 -13.69 -14.05
C LEU A 101 4.48 -13.72 -14.13
N THR A 102 3.98 -14.45 -13.15
CA THR A 102 2.87 -13.93 -12.35
C THR A 102 2.97 -14.22 -10.86
N PHE A 103 2.63 -13.21 -10.06
CA PHE A 103 2.55 -13.31 -8.62
C PHE A 103 1.11 -13.55 -8.15
N GLY A 104 0.99 -14.19 -6.99
CA GLY A 104 -0.28 -14.19 -6.27
C GLY A 104 -0.54 -12.80 -5.72
N ALA A 105 -1.73 -12.61 -5.13
CA ALA A 105 -2.13 -11.25 -4.71
C ALA A 105 -1.43 -10.79 -3.45
N GLY A 106 -0.80 -11.73 -2.74
CA GLY A 106 -0.22 -11.43 -1.42
C GLY A 106 -1.14 -11.88 -0.30
N THR A 107 -0.56 -12.56 0.68
CA THR A 107 -1.20 -12.94 1.93
C THR A 107 -0.53 -12.17 3.06
N LYS A 108 -1.31 -11.38 3.78
CA LYS A 108 -0.80 -10.62 4.93
C LYS A 108 -0.81 -11.51 6.17
N LEU A 109 0.37 -11.82 6.69
CA LEU A 109 0.50 -12.52 7.95
C LEU A 109 0.48 -11.46 9.05
N GLU A 110 -0.53 -11.54 9.92
CA GLU A 110 -0.84 -10.45 10.85
C GLU A 110 -1.05 -11.05 12.23
N LEU A 111 -1.14 -10.20 13.26
CA LEU A 111 -1.31 -10.69 14.62
C LEU A 111 -2.76 -10.83 15.03
N LYS A 112 -3.08 -11.90 15.75
CA LYS A 112 -4.35 -12.01 16.43
C LYS A 112 -4.33 -11.09 17.66
N GLY A 113 -5.47 -10.45 17.89
CA GLY A 113 -5.68 -9.73 19.14
C GLY A 113 -7.08 -10.02 19.64
N ALA A 114 -7.45 -9.36 20.73
CA ALA A 114 -8.79 -9.49 21.29
C ALA A 114 -9.76 -8.69 20.41
N ASP A 115 -10.98 -9.19 20.25
CA ASP A 115 -11.98 -8.41 19.53
C ASP A 115 -12.18 -7.08 20.24
N ALA A 116 -12.37 -5.99 19.48
CA ALA A 116 -12.47 -4.67 20.08
C ALA A 116 -13.36 -3.81 19.20
N ALA A 117 -14.31 -3.09 19.81
CA ALA A 117 -15.22 -2.24 19.04
C ALA A 117 -14.55 -0.95 18.62
N PRO A 118 -14.89 -0.44 17.43
CA PRO A 118 -14.33 0.85 17.03
C PRO A 118 -14.86 1.99 17.85
N THR A 119 -14.01 3.01 18.03
CA THR A 119 -14.46 4.28 18.57
C THR A 119 -14.69 5.18 17.36
N VAL A 120 -15.92 5.68 17.23
CA VAL A 120 -16.33 6.40 16.02
C VAL A 120 -16.51 7.87 16.36
N SER A 121 -15.89 8.75 15.57
CA SER A 121 -16.00 10.17 15.78
C SER A 121 -16.29 10.83 14.45
N ILE A 122 -17.29 11.71 14.40
CA ILE A 122 -17.61 12.45 13.19
C ILE A 122 -17.31 13.94 13.35
N PHE A 123 -16.86 14.58 12.28
CA PHE A 123 -16.52 16.01 12.32
C PHE A 123 -17.12 16.75 11.14
N PRO A 124 -17.80 17.88 11.43
CA PRO A 124 -18.29 18.68 10.31
C PRO A 124 -17.14 19.43 9.64
N PRO A 125 -17.41 20.04 8.48
CA PRO A 125 -16.44 20.96 7.90
C PRO A 125 -16.10 22.09 8.88
N SER A 126 -14.83 22.45 8.91
CA SER A 126 -14.38 23.53 9.77
C SER A 126 -14.88 24.84 9.19
N SER A 127 -14.99 25.86 10.04
CA SER A 127 -15.34 27.18 9.53
C SER A 127 -14.30 27.67 8.54
N GLU A 128 -13.03 27.36 8.78
CA GLU A 128 -11.99 27.74 7.83
C GLU A 128 -12.22 27.11 6.46
N GLN A 129 -12.56 25.83 6.42
CA GLN A 129 -12.80 25.23 5.12
C GLN A 129 -14.04 25.80 4.42
N LEU A 130 -15.08 26.09 5.21
CA LEU A 130 -16.30 26.64 4.65
C LEU A 130 -16.10 28.04 4.07
N THR A 131 -15.29 28.85 4.74
CA THR A 131 -14.95 30.18 4.23
C THR A 131 -14.18 30.02 2.93
N SER A 132 -13.28 29.04 2.93
CA SER A 132 -12.41 28.79 1.80
C SER A 132 -13.20 28.24 0.62
N GLY A 133 -14.37 27.68 0.89
CA GLY A 133 -15.30 27.29 -0.18
C GLY A 133 -15.54 25.81 -0.42
N GLY A 134 -15.03 24.95 0.45
CA GLY A 134 -15.21 23.50 0.28
C GLY A 134 -15.89 22.89 1.50
N ALA A 135 -16.21 21.59 1.45
CA ALA A 135 -16.84 20.96 2.60
C ALA A 135 -16.50 19.47 2.74
N SER A 136 -15.60 19.13 3.66
CA SER A 136 -15.27 17.74 3.93
C SER A 136 -15.84 17.31 5.27
N VAL A 137 -16.49 16.15 5.28
CA VAL A 137 -17.01 15.59 6.50
C VAL A 137 -16.14 14.38 6.82
N VAL A 138 -15.56 14.33 8.01
CA VAL A 138 -14.58 13.30 8.32
C VAL A 138 -15.10 12.40 9.43
N CYS A 139 -14.93 11.10 9.25
CA CYS A 139 -15.27 10.13 10.29
C CYS A 139 -14.06 9.25 10.60
N PHE A 140 -13.71 9.12 11.88
CA PHE A 140 -12.63 8.22 12.29
C PHE A 140 -13.28 7.01 12.94
N LEU A 141 -12.76 5.84 12.59
CA LEU A 141 -13.21 4.57 13.18
C LEU A 141 -11.93 3.97 13.74
N ASN A 142 -11.73 4.11 15.04
CA ASN A 142 -10.40 3.85 15.60
C ASN A 142 -10.32 2.66 16.55
N ASN A 143 -9.20 1.95 16.45
CA ASN A 143 -8.81 0.91 17.41
C ASN A 143 -9.79 -0.25 17.52
N PHE A 144 -10.07 -0.86 16.37
CA PHE A 144 -10.96 -2.01 16.33
C PHE A 144 -10.23 -3.30 15.93
N TYR A 145 -10.82 -4.43 16.27
CA TYR A 145 -10.30 -5.75 15.90
C TYR A 145 -11.49 -6.71 15.84
N PRO A 146 -11.60 -7.54 14.79
CA PRO A 146 -10.71 -7.68 13.63
C PRO A 146 -10.90 -6.58 12.62
N LYS A 147 -10.10 -6.61 11.56
CA LYS A 147 -10.03 -5.50 10.61
C LYS A 147 -11.27 -5.33 9.72
N ASP A 148 -12.12 -6.35 9.69
CA ASP A 148 -13.33 -6.35 8.87
C ASP A 148 -14.35 -5.38 9.43
N ILE A 149 -14.75 -4.41 8.61
CA ILE A 149 -15.67 -3.37 9.07
C ILE A 149 -16.39 -2.75 7.86
N ASN A 150 -17.62 -2.31 8.09
CA ASN A 150 -18.38 -1.63 7.05
C ASN A 150 -18.69 -0.21 7.52
N VAL A 151 -18.49 0.76 6.64
CA VAL A 151 -18.88 2.13 6.92
C VAL A 151 -19.90 2.59 5.89
N LYS A 152 -20.97 3.20 6.39
CA LYS A 152 -22.03 3.75 5.54
C LYS A 152 -22.28 5.18 5.95
N TRP A 153 -22.39 6.06 4.95
CA TRP A 153 -22.73 7.46 5.15
C TRP A 153 -24.19 7.67 4.80
N LYS A 154 -24.86 8.49 5.60
CA LYS A 154 -26.21 8.95 5.25
C LYS A 154 -26.24 10.47 5.30
N ILE A 155 -26.95 11.07 4.35
CA ILE A 155 -27.22 12.49 4.34
C ILE A 155 -28.74 12.64 4.39
N ASP A 156 -29.24 13.39 5.37
CA ASP A 156 -30.66 13.52 5.61
C ASP A 156 -31.33 12.15 5.67
N GLY A 157 -30.60 11.16 6.17
CA GLY A 157 -31.18 9.84 6.43
C GLY A 157 -31.16 8.92 5.23
N SER A 158 -30.53 9.38 4.15
CA SER A 158 -30.44 8.61 2.92
CA SER A 158 -30.44 8.65 2.90
C SER A 158 -28.99 8.25 2.60
N GLU A 159 -28.77 7.01 2.19
CA GLU A 159 -27.41 6.56 1.92
C GLU A 159 -26.71 7.41 0.87
N ARG A 160 -25.46 7.76 1.14
CA ARG A 160 -24.61 8.48 0.21
C ARG A 160 -23.33 7.69 -0.06
N GLN A 161 -23.02 7.44 -1.33
CA GLN A 161 -21.76 6.77 -1.67
C GLN A 161 -20.79 7.64 -2.44
N ASN A 162 -21.30 8.55 -3.24
CA ASN A 162 -20.44 9.38 -4.06
C ASN A 162 -19.66 10.34 -3.18
N GLY A 163 -18.35 10.44 -3.42
CA GLY A 163 -17.53 11.41 -2.71
C GLY A 163 -16.90 10.89 -1.45
N VAL A 164 -17.03 9.59 -1.21
CA VAL A 164 -16.48 8.95 -0.01
C VAL A 164 -15.14 8.29 -0.33
N LEU A 165 -14.11 8.61 0.44
CA LEU A 165 -12.84 7.92 0.31
C LEU A 165 -12.38 7.44 1.66
N ASN A 166 -11.93 6.18 1.71
CA ASN A 166 -11.47 5.57 2.96
C ASN A 166 -9.95 5.38 2.98
N SER A 167 -9.38 5.38 4.17
CA SER A 167 -7.95 5.12 4.36
C SER A 167 -7.74 4.31 5.64
N TRP A 168 -6.73 3.45 5.66
CA TRP A 168 -6.50 2.52 6.77
C TRP A 168 -5.08 2.61 7.29
N THR A 169 -4.89 2.51 8.60
CA THR A 169 -3.57 2.37 9.19
C THR A 169 -3.13 0.91 9.14
N ASP A 170 -1.83 0.68 9.30
CA ASP A 170 -1.41 -0.69 9.48
C ASP A 170 -1.75 -1.13 10.90
N GLN A 171 -1.68 -2.44 11.13
CA GLN A 171 -1.98 -2.97 12.44
C GLN A 171 -1.16 -2.27 13.53
N ASP A 172 -1.82 -1.91 14.63
CA ASP A 172 -1.19 -1.12 15.70
C ASP A 172 -0.11 -1.93 16.39
N SER A 173 1.03 -1.27 16.62
CA SER A 173 2.20 -1.92 17.18
C SER A 173 2.10 -2.12 18.70
N LYS A 174 1.14 -1.44 19.33
CA LYS A 174 0.89 -1.63 20.76
C LYS A 174 -0.13 -2.76 21.00
N ASP A 175 -1.32 -2.61 20.43
CA ASP A 175 -2.44 -3.49 20.80
C ASP A 175 -3.03 -4.31 19.67
N SER A 176 -2.43 -4.23 18.50
CA SER A 176 -2.81 -5.05 17.33
C SER A 176 -4.18 -4.71 16.72
N THR A 177 -4.69 -3.53 17.06
CA THR A 177 -5.94 -3.08 16.46
C THR A 177 -5.69 -2.38 15.14
N TYR A 178 -6.78 -2.07 14.44
CA TYR A 178 -6.79 -1.35 13.18
C TYR A 178 -7.57 -0.05 13.35
N SER A 179 -7.26 0.93 12.52
CA SER A 179 -8.05 2.15 12.44
C SER A 179 -8.30 2.56 11.00
N MET A 180 -9.36 3.34 10.77
CA MET A 180 -9.65 3.79 9.42
C MET A 180 -10.29 5.16 9.47
N SER A 181 -10.08 5.91 8.40
CA SER A 181 -10.79 7.16 8.22
C SER A 181 -11.71 7.03 7.01
N SER A 182 -12.84 7.71 7.08
CA SER A 182 -13.79 7.77 5.98
C SER A 182 -14.16 9.23 5.81
N THR A 183 -13.93 9.75 4.61
CA THR A 183 -14.13 11.18 4.39
C THR A 183 -15.08 11.41 3.23
N LEU A 184 -16.12 12.18 3.52
CA LEU A 184 -17.14 12.55 2.52
C LEU A 184 -16.82 13.95 2.04
N THR A 185 -16.43 14.08 0.77
CA THR A 185 -16.08 15.39 0.23
C THR A 185 -17.21 15.89 -0.65
N LEU A 186 -17.73 17.05 -0.29
CA LEU A 186 -18.87 17.66 -0.96
C LEU A 186 -18.42 19.02 -1.45
N THR A 187 -19.08 19.55 -2.46
CA THR A 187 -18.97 20.98 -2.70
C THR A 187 -19.69 21.71 -1.56
N LYS A 188 -19.33 22.95 -1.30
CA LYS A 188 -20.05 23.77 -0.32
C LYS A 188 -21.52 23.88 -0.73
N ASP A 189 -21.77 24.01 -2.03
CA ASP A 189 -23.14 24.08 -2.51
C ASP A 189 -23.94 22.85 -2.08
N GLU A 190 -23.36 21.66 -2.30
N GLU A 190 -23.39 21.65 -2.27
CA GLU A 190 -23.99 20.41 -1.88
CA GLU A 190 -24.16 20.48 -1.86
C GLU A 190 -24.24 20.42 -0.38
C GLU A 190 -24.25 20.37 -0.34
N TYR A 191 -23.21 20.76 0.39
CA TYR A 191 -23.28 20.74 1.84
C TYR A 191 -24.43 21.60 2.35
N GLU A 192 -24.63 22.72 1.68
CA GLU A 192 -25.63 23.70 2.12
C GLU A 192 -27.05 23.35 1.65
N ARG A 193 -27.20 22.20 1.00
CA ARG A 193 -28.51 21.65 0.62
C ARG A 193 -28.99 20.58 1.57
N HIS A 194 -28.17 20.20 2.56
CA HIS A 194 -28.54 19.10 3.43
CA HIS A 194 -28.49 19.08 3.44
C HIS A 194 -28.22 19.40 4.89
N ASN A 195 -28.97 18.76 5.79
CA ASN A 195 -28.89 19.08 7.22
C ASN A 195 -28.21 18.05 8.13
N SER A 196 -28.56 16.78 7.97
CA SER A 196 -28.03 15.78 8.89
CA SER A 196 -28.08 15.73 8.87
C SER A 196 -27.00 14.93 8.14
N TYR A 197 -25.88 14.71 8.82
CA TYR A 197 -24.78 13.92 8.27
C TYR A 197 -24.46 12.83 9.26
N THR A 198 -24.41 11.59 8.77
CA THR A 198 -24.25 10.41 9.62
C THR A 198 -23.20 9.45 9.09
N CYS A 199 -22.35 8.98 9.99
CA CYS A 199 -21.39 7.92 9.73
C CYS A 199 -21.81 6.72 10.58
N GLU A 200 -21.98 5.58 9.91
CA GLU A 200 -22.45 4.35 10.55
C GLU A 200 -21.46 3.23 10.33
N ALA A 201 -21.03 2.62 11.43
CA ALA A 201 -20.05 1.54 11.39
C ALA A 201 -20.65 0.22 11.85
N THR A 202 -20.46 -0.83 11.04
CA THR A 202 -20.96 -2.16 11.39
C THR A 202 -19.74 -3.06 11.55
N HIS A 203 -19.66 -3.70 12.72
CA HIS A 203 -18.50 -4.49 13.11
C HIS A 203 -19.00 -5.65 13.96
N LYS A 204 -18.28 -6.77 13.94
CA LYS A 204 -18.80 -7.97 14.58
C LYS A 204 -18.98 -7.87 16.09
N THR A 205 -18.38 -6.85 16.70
CA THR A 205 -18.47 -6.66 18.13
C THR A 205 -19.83 -6.18 18.63
N SER A 206 -20.73 -5.82 17.72
CA SER A 206 -22.10 -5.51 18.11
C SER A 206 -23.10 -5.77 16.98
N THR A 207 -24.31 -6.16 17.38
CA THR A 207 -25.39 -6.42 16.44
C THR A 207 -25.82 -5.12 15.77
N SER A 208 -25.79 -4.04 16.53
CA SER A 208 -26.27 -2.76 16.04
C SER A 208 -25.10 -1.89 15.54
N PRO A 209 -25.32 -1.17 14.43
CA PRO A 209 -24.29 -0.27 13.96
C PRO A 209 -24.01 0.83 14.97
N ILE A 210 -22.77 1.32 14.98
CA ILE A 210 -22.45 2.50 15.75
C ILE A 210 -22.77 3.70 14.86
N VAL A 211 -23.59 4.61 15.37
CA VAL A 211 -24.12 5.71 14.58
C VAL A 211 -23.68 7.03 15.20
N LYS A 212 -22.94 7.84 14.43
CA LYS A 212 -22.57 9.17 14.87
CA LYS A 212 -22.56 9.17 14.87
C LYS A 212 -23.03 10.18 13.82
N SER A 213 -23.69 11.23 14.29
CA SER A 213 -24.22 12.25 13.40
C SER A 213 -23.95 13.65 13.92
N PHE A 214 -24.12 14.62 13.03
CA PHE A 214 -24.28 16.00 13.45
C PHE A 214 -25.30 16.65 12.54
N ASN A 215 -25.76 17.82 12.98
CA ASN A 215 -26.65 18.65 12.19
C ASN A 215 -25.87 19.90 11.78
N ARG A 216 -25.93 20.24 10.50
CA ARG A 216 -25.16 21.35 9.91
C ARG A 216 -25.34 22.65 10.66
N ASN A 217 -26.53 22.84 11.23
CA ASN A 217 -26.88 24.14 11.80
C ASN A 217 -26.62 24.24 13.30
N GLU A 218 -26.08 23.18 13.89
CA GLU A 218 -26.00 23.13 15.35
C GLU A 218 -24.60 22.83 15.83
N GLN B 1 30.12 -8.45 -3.72
CA GLN B 1 28.71 -8.25 -3.27
C GLN B 1 27.83 -7.73 -4.41
N VAL B 2 26.76 -8.46 -4.71
CA VAL B 2 25.84 -8.09 -5.80
C VAL B 2 24.88 -7.00 -5.35
N THR B 3 24.81 -5.90 -6.10
CA THR B 3 23.76 -4.90 -5.87
C THR B 3 23.16 -4.44 -7.18
N LEU B 4 21.89 -4.05 -7.13
CA LEU B 4 21.22 -3.41 -8.24
C LEU B 4 20.61 -2.11 -7.75
N LYS B 5 20.58 -1.09 -8.62
CA LYS B 5 20.01 0.21 -8.28
C LYS B 5 19.26 0.84 -9.44
N GLU B 6 17.98 1.11 -9.21
CA GLU B 6 17.11 1.72 -10.20
C GLU B 6 17.21 3.23 -10.14
N SER B 7 17.13 3.86 -11.32
CA SER B 7 16.98 5.31 -11.34
C SER B 7 15.88 5.69 -12.32
N GLY B 8 15.13 6.72 -11.97
CA GLY B 8 14.05 7.23 -12.82
C GLY B 8 13.81 8.70 -12.54
N PRO B 9 12.80 9.27 -13.18
CA PRO B 9 12.57 10.71 -13.12
C PRO B 9 11.79 11.22 -11.92
N GLY B 10 11.28 10.30 -11.10
CA GLY B 10 10.48 10.71 -9.94
C GLY B 10 9.04 11.04 -10.26
N ILE B 11 8.84 12.05 -11.11
CA ILE B 11 7.51 12.50 -11.52
CA ILE B 11 7.51 12.46 -11.53
C ILE B 11 7.50 12.67 -13.03
N LEU B 12 6.41 12.25 -13.66
CA LEU B 12 6.19 12.47 -15.09
C LEU B 12 4.75 12.90 -15.29
N LYS B 13 4.48 13.58 -16.39
CA LYS B 13 3.12 13.87 -16.81
C LYS B 13 2.53 12.76 -17.68
N PRO B 14 1.22 12.54 -17.56
CA PRO B 14 0.57 11.63 -18.50
C PRO B 14 0.93 11.93 -19.95
N SER B 15 1.17 10.85 -20.70
CA SER B 15 1.53 10.86 -22.12
C SER B 15 3.03 10.89 -22.37
N GLN B 16 3.81 11.22 -21.36
CA GLN B 16 5.27 11.20 -21.50
C GLN B 16 5.82 9.77 -21.51
N THR B 17 7.10 9.65 -21.88
CA THR B 17 7.78 8.37 -21.89
C THR B 17 8.61 8.24 -20.62
N LEU B 18 8.45 7.11 -19.94
CA LEU B 18 9.25 6.80 -18.77
C LEU B 18 10.53 6.12 -19.21
N SER B 19 11.65 6.62 -18.72
CA SER B 19 12.96 6.02 -18.95
C SER B 19 13.54 5.56 -17.62
N LEU B 20 13.66 4.25 -17.42
CA LEU B 20 14.27 3.69 -16.22
C LEU B 20 15.62 3.07 -16.53
N THR B 21 16.53 3.16 -15.58
CA THR B 21 17.83 2.54 -15.73
C THR B 21 18.11 1.69 -14.51
N CYS B 22 18.67 0.50 -14.72
CA CYS B 22 19.15 -0.31 -13.63
C CYS B 22 20.67 -0.39 -13.77
N SER B 23 21.36 0.06 -12.74
CA SER B 23 22.82 -0.03 -12.67
C SER B 23 23.18 -1.11 -11.67
N PHE B 24 24.21 -1.88 -11.97
CA PHE B 24 24.51 -2.97 -11.07
C PHE B 24 25.99 -3.14 -10.82
N SER B 25 26.32 -3.78 -9.70
CA SER B 25 27.71 -4.06 -9.36
C SER B 25 27.81 -5.48 -8.83
N GLY B 26 29.03 -6.03 -8.89
CA GLY B 26 29.28 -7.36 -8.33
C GLY B 26 28.92 -8.48 -9.27
N PHE B 27 28.45 -8.12 -10.46
CA PHE B 27 28.24 -9.07 -11.54
C PHE B 27 28.18 -8.32 -12.86
N SER B 28 28.24 -9.09 -13.95
CA SER B 28 28.18 -8.54 -15.30
C SER B 28 27.12 -9.24 -16.13
N LEU B 29 26.34 -8.45 -16.88
CA LEU B 29 25.34 -9.03 -17.77
C LEU B 29 25.95 -9.81 -18.92
N SER B 30 27.25 -9.66 -19.15
CA SER B 30 27.94 -10.40 -20.21
C SER B 30 28.14 -11.85 -19.82
N THR B 31 28.13 -12.13 -18.52
CA THR B 31 28.28 -13.48 -18.01
C THR B 31 27.18 -14.40 -18.53
N SER B 32 27.58 -15.52 -19.12
CA SER B 32 26.65 -16.53 -19.62
C SER B 32 25.67 -16.90 -18.52
N GLY B 33 24.39 -16.89 -18.86
CA GLY B 33 23.34 -17.29 -17.92
C GLY B 33 22.68 -16.16 -17.14
N MET B 34 23.21 -14.95 -17.26
CA MET B 34 22.70 -13.81 -16.49
C MET B 34 21.46 -13.20 -17.13
N SER B 35 20.52 -12.78 -16.28
CA SER B 35 19.40 -12.00 -16.76
C SER B 35 18.93 -10.99 -15.72
N VAL B 36 18.20 -9.98 -16.19
CA VAL B 36 17.67 -8.97 -15.30
C VAL B 36 16.25 -8.63 -15.76
N GLY B 37 15.33 -8.53 -14.81
CA GLY B 37 13.93 -8.20 -15.10
C GLY B 37 13.44 -7.00 -14.31
N TRP B 38 12.32 -6.46 -14.77
CA TRP B 38 11.66 -5.35 -14.10
C TRP B 38 10.31 -5.80 -13.56
N ILE B 39 10.03 -5.37 -12.33
CA ILE B 39 8.80 -5.68 -11.60
C ILE B 39 8.32 -4.40 -10.97
N ARG B 40 7.01 -4.13 -10.99
CA ARG B 40 6.50 -2.95 -10.32
C ARG B 40 5.40 -3.25 -9.33
N GLN B 41 5.20 -2.31 -8.42
CA GLN B 41 4.17 -2.43 -7.38
C GLN B 41 3.36 -1.14 -7.41
N PRO B 42 2.22 -1.17 -8.15
CA PRO B 42 1.33 -0.04 -8.34
C PRO B 42 0.64 0.30 -7.04
N SER B 43 0.19 1.53 -6.91
CA SER B 43 -0.42 1.99 -5.67
C SER B 43 -1.47 1.02 -5.12
N GLY B 46 -0.30 -5.22 -5.42
CA GLY B 46 0.67 -6.31 -5.45
C GLY B 46 1.73 -6.09 -6.53
N LEU B 47 2.39 -7.18 -6.90
CA LEU B 47 3.56 -7.09 -7.76
C LEU B 47 3.20 -7.54 -9.17
N GLU B 48 3.80 -6.89 -10.16
CA GLU B 48 3.51 -7.17 -11.57
C GLU B 48 4.84 -7.22 -12.33
N TRP B 49 5.13 -8.34 -12.99
CA TRP B 49 6.34 -8.47 -13.79
C TRP B 49 6.13 -7.79 -15.14
N LEU B 50 7.15 -7.06 -15.59
CA LEU B 50 7.01 -6.24 -16.80
C LEU B 50 7.78 -6.79 -18.01
N ALA B 51 9.07 -7.04 -17.81
CA ALA B 51 9.96 -7.38 -18.93
C ALA B 51 11.26 -7.92 -18.39
N HIS B 52 12.02 -8.57 -19.26
CA HIS B 52 13.20 -9.29 -18.81
C HIS B 52 14.19 -9.37 -19.97
N ILE B 53 15.49 -9.26 -19.67
CA ILE B 53 16.47 -9.36 -20.75
C ILE B 53 17.65 -10.23 -20.27
N TRP B 54 18.20 -10.96 -21.23
CA TRP B 54 19.26 -11.93 -20.99
C TRP B 54 20.62 -11.43 -21.48
N TRP B 55 21.68 -12.07 -20.99
CA TRP B 55 23.05 -11.81 -21.44
C TRP B 55 23.19 -11.82 -22.96
N ASP B 56 22.39 -12.60 -23.66
CA ASP B 56 22.49 -12.70 -25.12
C ASP B 56 21.47 -11.85 -25.88
N ASP B 57 20.88 -10.90 -25.16
CA ASP B 57 19.92 -9.95 -25.72
C ASP B 57 18.51 -10.49 -25.98
N ASP B 58 18.25 -11.73 -25.56
CA ASP B 58 16.92 -12.30 -25.60
C ASP B 58 16.00 -11.50 -24.65
N LYS B 59 14.82 -11.14 -25.14
CA LYS B 59 13.91 -10.25 -24.44
C LYS B 59 12.53 -10.85 -24.27
N TYR B 60 11.94 -10.65 -23.09
CA TYR B 60 10.61 -11.17 -22.77
C TYR B 60 9.80 -10.05 -22.17
N TYR B 61 8.51 -10.03 -22.51
CA TYR B 61 7.61 -8.95 -22.10
C TYR B 61 6.30 -9.51 -21.59
N ASN B 62 5.69 -8.77 -20.68
CA ASN B 62 4.31 -9.07 -20.31
C ASN B 62 3.45 -8.73 -21.52
N PRO B 63 2.77 -9.73 -22.12
CA PRO B 63 1.99 -9.48 -23.36
C PRO B 63 0.97 -8.35 -23.27
N SER B 64 0.31 -8.18 -22.12
CA SER B 64 -0.71 -7.14 -21.98
CA SER B 64 -0.71 -7.15 -22.03
C SER B 64 -0.12 -5.75 -22.01
N LEU B 65 1.18 -5.65 -21.76
CA LEU B 65 1.87 -4.38 -21.72
C LEU B 65 2.88 -4.17 -22.86
N LYS B 66 3.10 -5.20 -23.67
CA LYS B 66 4.12 -5.16 -24.72
C LYS B 66 4.11 -3.89 -25.58
N SER B 67 2.93 -3.45 -25.99
CA SER B 67 2.88 -2.33 -26.92
C SER B 67 3.52 -1.06 -26.34
N ARG B 68 3.59 -0.96 -25.02
CA ARG B 68 4.17 0.22 -24.38
C ARG B 68 5.58 0.03 -23.84
N LEU B 69 6.12 -1.19 -23.90
CA LEU B 69 7.40 -1.49 -23.25
C LEU B 69 8.53 -1.77 -24.23
N THR B 70 9.74 -1.32 -23.87
CA THR B 70 10.95 -1.67 -24.59
C THR B 70 12.07 -1.83 -23.58
N ILE B 71 12.69 -3.01 -23.55
CA ILE B 71 13.82 -3.28 -22.65
C ILE B 71 15.09 -3.39 -23.49
N SER B 72 16.20 -2.91 -22.95
CA SER B 72 17.47 -3.01 -23.66
C SER B 72 18.61 -3.07 -22.64
N LYS B 73 19.81 -3.35 -23.15
CA LYS B 73 20.98 -3.43 -22.29
C LYS B 73 22.15 -2.72 -22.96
N ASP B 74 23.09 -2.29 -22.12
CA ASP B 74 24.43 -1.93 -22.55
C ASP B 74 25.38 -2.63 -21.59
N THR B 75 25.88 -3.80 -21.96
CA THR B 75 26.71 -4.59 -21.07
CA THR B 75 26.70 -4.58 -21.05
C THR B 75 28.00 -3.86 -20.67
N SER B 76 28.56 -3.11 -21.61
CA SER B 76 29.77 -2.32 -21.32
C SER B 76 29.55 -1.32 -20.18
N ARG B 77 28.45 -0.56 -20.28
CA ARG B 77 28.04 0.36 -19.21
CA ARG B 77 28.06 0.35 -19.21
C ARG B 77 27.52 -0.45 -18.03
N ASN B 78 27.26 -1.73 -18.27
CA ASN B 78 26.69 -2.61 -17.27
C ASN B 78 25.36 -2.05 -16.75
N GLN B 79 24.48 -1.75 -17.69
CA GLN B 79 23.17 -1.20 -17.36
C GLN B 79 22.11 -1.85 -18.21
N VAL B 80 20.89 -1.83 -17.66
CA VAL B 80 19.70 -2.28 -18.35
C VAL B 80 18.70 -1.11 -18.33
N PHE B 81 17.92 -0.99 -19.40
CA PHE B 81 17.00 0.12 -19.58
C PHE B 81 15.59 -0.38 -19.83
N LEU B 82 14.62 0.32 -19.28
CA LEU B 82 13.23 0.06 -19.63
C LEU B 82 12.56 1.36 -20.02
N LYS B 83 11.84 1.32 -21.14
CA LYS B 83 11.04 2.46 -21.57
CA LYS B 83 11.03 2.44 -21.62
C LYS B 83 9.57 2.08 -21.52
N ILE B 84 8.75 2.97 -20.98
CA ILE B 84 7.32 2.79 -21.02
C ILE B 84 6.75 4.04 -21.67
N THR B 85 6.15 3.86 -22.84
CA THR B 85 5.58 5.00 -23.54
C THR B 85 4.18 5.31 -23.04
N SER B 86 3.75 6.54 -23.32
CA SER B 86 2.38 6.98 -23.05
C SER B 86 1.95 6.69 -21.62
N VAL B 87 2.71 7.18 -20.65
CA VAL B 87 2.37 6.82 -19.28
C VAL B 87 1.04 7.45 -18.89
N ASP B 88 0.37 6.84 -17.92
N ASP B 88 0.36 6.83 -17.94
CA ASP B 88 -0.84 7.42 -17.34
CA ASP B 88 -0.83 7.43 -17.33
C ASP B 88 -0.79 7.18 -15.84
C ASP B 88 -0.78 7.19 -15.84
N THR B 89 -1.83 7.60 -15.13
CA THR B 89 -1.80 7.53 -13.67
C THR B 89 -1.60 6.12 -13.13
N ALA B 90 -2.07 5.10 -13.85
CA ALA B 90 -1.91 3.71 -13.43
C ALA B 90 -0.47 3.20 -13.42
N ASP B 91 0.43 3.96 -14.04
CA ASP B 91 1.84 3.62 -14.05
C ASP B 91 2.56 4.16 -12.80
N THR B 92 1.82 4.88 -11.97
CA THR B 92 2.35 5.29 -10.67
C THR B 92 2.64 4.03 -9.84
N ALA B 93 3.88 3.88 -9.41
CA ALA B 93 4.29 2.62 -8.78
C ALA B 93 5.72 2.74 -8.29
N THR B 94 6.17 1.78 -7.49
CA THR B 94 7.59 1.55 -7.26
C THR B 94 8.06 0.54 -8.30
N TYR B 95 9.17 0.85 -8.94
CA TYR B 95 9.73 -0.01 -9.97
C TYR B 95 11.00 -0.65 -9.45
N TYR B 96 11.08 -1.97 -9.53
CA TYR B 96 12.25 -2.73 -9.11
C TYR B 96 12.91 -3.40 -10.28
N CYS B 97 14.24 -3.49 -10.23
CA CYS B 97 14.90 -4.44 -11.09
C CYS B 97 15.43 -5.57 -10.22
N ALA B 98 15.55 -6.75 -10.81
CA ALA B 98 15.96 -7.93 -10.06
C ALA B 98 16.68 -8.89 -11.00
N ARG B 99 17.63 -9.63 -10.45
CA ARG B 99 18.50 -10.47 -11.27
C ARG B 99 18.08 -11.94 -11.14
N ARG B 100 18.35 -12.72 -12.18
CA ARG B 100 18.29 -14.17 -12.11
C ARG B 100 19.49 -14.72 -12.87
N THR B 101 19.88 -15.95 -12.57
CA THR B 101 20.90 -16.62 -13.39
C THR B 101 20.48 -18.07 -13.59
N THR B 102 20.95 -18.67 -14.67
CA THR B 102 20.60 -20.05 -14.97
C THR B 102 21.04 -21.01 -13.87
N THR B 103 22.08 -20.66 -13.12
CA THR B 103 22.57 -21.49 -12.00
C THR B 103 22.05 -21.05 -10.63
N ALA B 104 21.29 -19.95 -10.60
CA ALA B 104 20.64 -19.47 -9.37
C ALA B 104 19.38 -18.78 -9.88
N ASP B 105 18.43 -19.61 -10.27
CA ASP B 105 17.34 -19.19 -11.14
C ASP B 105 16.15 -18.78 -10.30
N TYR B 106 16.25 -17.57 -9.75
CA TYR B 106 15.28 -17.03 -8.82
C TYR B 106 15.68 -15.60 -8.55
N PHE B 107 14.76 -14.76 -8.09
CA PHE B 107 15.10 -13.36 -7.82
C PHE B 107 15.70 -13.23 -6.43
N ALA B 108 16.97 -13.60 -6.30
CA ALA B 108 17.64 -13.46 -5.01
C ALA B 108 18.01 -12.01 -4.74
N TYR B 109 18.40 -11.30 -5.80
CA TYR B 109 18.85 -9.90 -5.65
C TYR B 109 17.92 -8.93 -6.35
N TRP B 110 17.39 -8.00 -5.56
CA TRP B 110 16.51 -6.94 -6.02
C TRP B 110 17.16 -5.61 -5.75
N GLY B 111 16.85 -4.61 -6.57
CA GLY B 111 17.13 -3.24 -6.14
C GLY B 111 16.25 -2.76 -5.00
N GLN B 112 16.54 -1.56 -4.50
CA GLN B 112 15.73 -0.93 -3.47
C GLN B 112 14.42 -0.36 -4.01
N GLY B 113 14.33 -0.20 -5.33
CA GLY B 113 13.16 0.38 -5.97
C GLY B 113 13.28 1.87 -6.24
N THR B 114 12.63 2.32 -7.30
CA THR B 114 12.51 3.76 -7.58
C THR B 114 11.02 4.06 -7.61
N THR B 115 10.61 5.11 -6.90
CA THR B 115 9.22 5.56 -6.89
C THR B 115 8.97 6.47 -8.09
N LEU B 116 7.88 6.19 -8.81
CA LEU B 116 7.42 7.03 -9.90
C LEU B 116 5.99 7.45 -9.65
N THR B 117 5.73 8.75 -9.80
CA THR B 117 4.38 9.28 -9.76
C THR B 117 4.07 9.87 -11.13
N VAL B 118 2.96 9.44 -11.74
CA VAL B 118 2.52 10.04 -12.99
C VAL B 118 1.29 10.89 -12.70
N SER B 119 1.40 12.19 -12.98
CA SER B 119 0.35 13.12 -12.56
C SER B 119 0.46 14.41 -13.36
N SER B 120 -0.71 15.00 -13.59
CA SER B 120 -0.82 16.32 -14.20
C SER B 120 -0.87 17.43 -13.16
N ALA B 121 -0.79 17.09 -11.88
CA ALA B 121 -0.88 18.11 -10.84
C ALA B 121 0.37 18.97 -10.79
N LYS B 122 0.17 20.21 -10.33
CA LYS B 122 1.28 21.11 -10.05
C LYS B 122 1.52 21.09 -8.55
N THR B 123 2.72 21.49 -8.12
CA THR B 123 2.99 21.62 -6.69
C THR B 123 1.97 22.55 -6.03
N THR B 124 1.38 22.08 -4.94
CA THR B 124 0.23 22.77 -4.33
C THR B 124 0.41 22.60 -2.82
N PRO B 125 0.34 23.69 -2.03
CA PRO B 125 0.44 23.49 -0.59
C PRO B 125 -0.85 22.92 0.00
N PRO B 126 -0.74 22.26 1.16
CA PRO B 126 -1.94 21.72 1.80
C PRO B 126 -2.77 22.84 2.43
N SER B 127 -4.08 22.62 2.48
CA SER B 127 -4.92 23.41 3.36
C SER B 127 -5.10 22.57 4.62
N VAL B 128 -4.85 23.14 5.78
CA VAL B 128 -4.89 22.37 7.01
C VAL B 128 -6.07 22.86 7.85
N TYR B 129 -6.98 21.93 8.13
CA TYR B 129 -8.24 22.28 8.80
C TYR B 129 -8.38 21.56 10.12
N PRO B 130 -8.91 22.24 11.14
CA PRO B 130 -9.09 21.59 12.43
C PRO B 130 -10.33 20.70 12.46
N LEU B 131 -10.20 19.57 13.15
CA LEU B 131 -11.34 18.69 13.38
C LEU B 131 -11.63 18.71 14.88
N ALA B 132 -12.67 19.47 15.26
CA ALA B 132 -13.06 19.63 16.67
C ALA B 132 -14.45 19.01 16.82
N PRO B 133 -14.71 18.32 17.95
CA PRO B 133 -16.01 17.68 18.13
C PRO B 133 -17.13 18.69 18.36
N GLY B 134 -18.30 18.41 17.78
CA GLY B 134 -19.49 19.20 18.07
C GLY B 134 -20.12 18.80 19.40
N SER B 135 -21.23 19.45 19.75
CA SER B 135 -21.93 19.17 21.00
C SER B 135 -22.54 17.77 21.10
N ALA B 136 -23.02 17.24 19.98
CA ALA B 136 -23.63 15.89 19.97
C ALA B 136 -22.59 14.80 20.24
N SER B 141 -15.46 11.91 28.29
CA SER B 141 -14.43 11.02 28.81
C SER B 141 -13.14 11.14 28.01
N MET B 142 -13.04 10.47 26.86
CA MET B 142 -11.90 10.70 25.97
C MET B 142 -12.36 11.57 24.82
N VAL B 143 -11.49 12.49 24.40
CA VAL B 143 -11.83 13.40 23.32
C VAL B 143 -10.95 13.09 22.11
N THR B 144 -11.58 12.85 20.98
CA THR B 144 -10.83 12.66 19.75
C THR B 144 -10.90 13.93 18.91
N LEU B 145 -9.71 14.43 18.57
CA LEU B 145 -9.53 15.61 17.76
C LEU B 145 -8.78 15.18 16.52
N GLY B 146 -8.66 16.09 15.56
CA GLY B 146 -7.91 15.72 14.37
C GLY B 146 -7.53 16.92 13.55
N CYS B 147 -6.78 16.64 12.49
CA CYS B 147 -6.43 17.65 11.50
CA CYS B 147 -6.50 17.67 11.50
C CYS B 147 -6.59 17.05 10.12
N LEU B 148 -7.25 17.79 9.25
CA LEU B 148 -7.47 17.40 7.86
C LEU B 148 -6.46 18.16 7.01
N VAL B 149 -5.66 17.40 6.26
CA VAL B 149 -4.59 17.99 5.45
C VAL B 149 -4.99 17.72 4.01
N LYS B 150 -5.49 18.75 3.35
CA LYS B 150 -6.24 18.56 2.11
C LYS B 150 -5.61 19.25 0.92
N GLY B 151 -5.55 18.55 -0.20
CA GLY B 151 -5.26 19.19 -1.48
C GLY B 151 -3.82 19.58 -1.75
N TYR B 152 -2.89 18.73 -1.33
CA TYR B 152 -1.48 19.02 -1.58
C TYR B 152 -0.89 18.14 -2.68
N PHE B 153 0.22 18.61 -3.24
CA PHE B 153 0.96 17.78 -4.19
C PHE B 153 2.37 18.32 -4.23
N PRO B 154 3.38 17.45 -4.36
CA PRO B 154 3.37 16.00 -4.32
C PRO B 154 3.46 15.52 -2.87
N GLU B 155 3.55 14.21 -2.69
CA GLU B 155 3.90 13.64 -1.40
C GLU B 155 5.34 14.00 -1.07
N PRO B 156 5.74 13.97 0.21
CA PRO B 156 4.97 13.66 1.40
C PRO B 156 4.57 14.87 2.22
N VAL B 157 3.72 14.62 3.20
CA VAL B 157 3.54 15.54 4.33
C VAL B 157 3.89 14.79 5.61
N THR B 158 4.27 15.54 6.63
CA THR B 158 4.41 14.97 7.97
C THR B 158 3.42 15.67 8.91
N VAL B 159 2.96 14.96 9.92
CA VAL B 159 2.10 15.55 10.92
C VAL B 159 2.62 15.17 12.29
N THR B 160 2.75 16.17 13.15
CA THR B 160 2.98 15.94 14.57
C THR B 160 1.93 16.66 15.40
N TRP B 161 1.87 16.34 16.69
CA TRP B 161 0.96 17.03 17.60
C TRP B 161 1.76 17.63 18.75
N ASN B 162 1.48 18.88 19.07
CA ASN B 162 2.25 19.61 20.09
C ASN B 162 3.75 19.45 19.91
N SER B 163 4.20 19.57 18.66
CA SER B 163 5.62 19.53 18.32
C SER B 163 6.27 18.18 18.59
N GLY B 164 5.46 17.14 18.65
CA GLY B 164 5.94 15.79 18.90
C GLY B 164 5.87 15.39 20.36
N SER B 165 5.50 16.32 21.23
CA SER B 165 5.36 16.05 22.66
CA SER B 165 5.39 16.01 22.65
C SER B 165 4.15 15.17 22.93
N LEU B 166 3.19 15.20 22.01
CA LEU B 166 1.97 14.42 22.13
C LEU B 166 2.00 13.35 21.04
N SER B 167 2.34 12.12 21.42
CA SER B 167 2.54 11.04 20.48
C SER B 167 1.65 9.86 20.76
N SER B 168 1.25 9.69 22.02
CA SER B 168 0.34 8.63 22.39
C SER B 168 -1.06 8.95 21.88
N GLY B 169 -1.77 7.92 21.41
CA GLY B 169 -3.14 8.07 20.95
C GLY B 169 -3.30 8.77 19.62
N VAL B 170 -2.23 8.76 18.82
CA VAL B 170 -2.22 9.37 17.50
C VAL B 170 -2.34 8.33 16.37
N HIS B 171 -3.22 8.60 15.41
CA HIS B 171 -3.30 7.83 14.16
C HIS B 171 -3.19 8.80 13.00
N THR B 172 -2.16 8.65 12.18
CA THR B 172 -2.06 9.44 10.95
C THR B 172 -2.28 8.53 9.75
N PHE B 173 -3.30 8.82 8.97
CA PHE B 173 -3.75 7.92 7.90
C PHE B 173 -2.98 8.12 6.60
N PRO B 174 -2.81 7.04 5.82
CA PRO B 174 -2.16 7.24 4.53
C PRO B 174 -2.96 8.19 3.64
N ALA B 175 -2.27 8.90 2.75
CA ALA B 175 -2.92 9.82 1.82
C ALA B 175 -3.71 9.07 0.75
N VAL B 176 -4.76 9.73 0.29
CA VAL B 176 -5.50 9.27 -0.88
C VAL B 176 -5.58 10.42 -1.88
N LEU B 177 -5.87 10.07 -3.12
CA LEU B 177 -5.99 11.06 -4.18
C LEU B 177 -7.44 11.46 -4.43
N GLN B 178 -7.64 12.76 -4.56
CA GLN B 178 -8.93 13.30 -4.94
C GLN B 178 -8.69 14.44 -5.92
N SER B 179 -9.14 14.27 -7.16
CA SER B 179 -8.89 15.23 -8.24
C SER B 179 -7.42 15.63 -8.41
N ASP B 180 -6.55 14.62 -8.44
CA ASP B 180 -5.11 14.73 -8.64
C ASP B 180 -4.32 15.27 -7.45
N LEU B 181 -5.00 15.59 -6.35
CA LEU B 181 -4.33 16.14 -5.19
C LEU B 181 -4.50 15.18 -4.02
N TYR B 182 -3.52 15.17 -3.12
CA TYR B 182 -3.54 14.25 -2.00
C TYR B 182 -4.25 14.85 -0.79
N THR B 183 -4.84 13.97 0.01
CA THR B 183 -5.45 14.37 1.27
C THR B 183 -5.21 13.28 2.28
N LEU B 184 -4.96 13.70 3.52
CA LEU B 184 -4.93 12.76 4.65
C LEU B 184 -5.40 13.47 5.91
N SER B 185 -5.75 12.69 6.92
CA SER B 185 -6.09 13.26 8.21
C SER B 185 -5.29 12.55 9.28
N SER B 186 -5.13 13.23 10.41
CA SER B 186 -4.51 12.66 11.59
C SER B 186 -5.49 12.80 12.76
N SER B 187 -5.63 11.76 13.56
CA SER B 187 -6.44 11.92 14.77
C SER B 187 -5.58 11.78 16.01
N VAL B 188 -6.02 12.43 17.08
CA VAL B 188 -5.36 12.28 18.37
C VAL B 188 -6.49 12.20 19.41
N THR B 189 -6.33 11.26 20.33
CA THR B 189 -7.30 11.05 21.39
C THR B 189 -6.63 11.35 22.73
N VAL B 190 -7.23 12.27 23.49
CA VAL B 190 -6.67 12.75 24.75
C VAL B 190 -7.75 12.70 25.84
N PRO B 191 -7.34 12.66 27.11
CA PRO B 191 -8.33 12.77 28.19
C PRO B 191 -9.18 14.06 28.10
N SER B 192 -10.45 14.02 28.52
CA SER B 192 -11.23 15.25 28.58
C SER B 192 -10.66 16.29 29.54
N SER B 193 -9.79 15.86 30.46
CA SER B 193 -9.12 16.82 31.34
C SER B 193 -7.96 17.56 30.66
N THR B 194 -7.55 17.08 29.49
CA THR B 194 -6.44 17.66 28.74
C THR B 194 -6.90 18.80 27.84
N TRP B 195 -7.97 18.56 27.08
CA TRP B 195 -8.47 19.51 26.10
C TRP B 195 -9.91 19.86 26.44
N PRO B 196 -10.25 21.16 26.36
CA PRO B 196 -9.40 22.25 25.91
C PRO B 196 -8.66 23.00 27.01
N SER B 197 -8.52 22.41 28.20
CA SER B 197 -7.74 23.06 29.25
C SER B 197 -6.33 23.39 28.77
N GLU B 198 -5.73 22.45 28.06
CA GLU B 198 -4.41 22.64 27.50
C GLU B 198 -4.55 22.77 25.99
N THR B 199 -3.61 23.46 25.36
CA THR B 199 -3.64 23.59 23.90
C THR B 199 -3.23 22.28 23.22
N VAL B 200 -3.96 21.97 22.15
CA VAL B 200 -3.61 20.85 21.27
C VAL B 200 -3.50 21.40 19.86
N THR B 201 -2.32 21.24 19.26
CA THR B 201 -2.00 21.86 17.98
C THR B 201 -1.42 20.81 17.04
N CYS B 202 -1.91 20.79 15.80
CA CYS B 202 -1.23 19.91 14.85
CA CYS B 202 -1.36 19.94 14.74
C CYS B 202 -0.22 20.72 14.06
N ASN B 203 0.91 20.06 13.85
CA ASN B 203 2.01 20.68 13.09
C ASN B 203 2.20 19.91 11.79
N VAL B 204 1.97 20.59 10.67
CA VAL B 204 1.96 19.93 9.37
C VAL B 204 3.12 20.49 8.56
N ALA B 205 3.91 19.61 7.95
CA ALA B 205 4.98 20.06 7.06
C ALA B 205 4.81 19.45 5.68
N HIS B 206 4.95 20.30 4.67
CA HIS B 206 4.92 19.88 3.27
C HIS B 206 6.13 20.52 2.62
N PRO B 207 7.27 19.82 2.62
CA PRO B 207 8.51 20.46 2.18
C PRO B 207 8.50 20.96 0.74
N ALA B 208 7.75 20.31 -0.15
CA ALA B 208 7.75 20.72 -1.56
C ALA B 208 7.21 22.13 -1.76
N SER B 209 6.37 22.60 -0.82
CA SER B 209 5.83 23.95 -0.88
C SER B 209 6.37 24.81 0.26
N SER B 210 7.44 24.36 0.89
CA SER B 210 8.08 25.11 1.97
C SER B 210 7.11 25.35 3.12
N THR B 211 6.12 24.48 3.30
CA THR B 211 5.05 24.75 4.26
C THR B 211 5.33 24.12 5.62
N LYS B 212 5.27 24.94 6.66
CA LYS B 212 5.23 24.46 8.03
C LYS B 212 4.10 25.23 8.70
N VAL B 213 3.02 24.55 8.99
CA VAL B 213 1.85 25.26 9.48
C VAL B 213 1.34 24.62 10.75
N ASP B 214 0.94 25.44 11.71
CA ASP B 214 0.39 24.97 12.98
C ASP B 214 -1.08 25.31 13.00
N LYS B 215 -1.88 24.35 13.43
CA LYS B 215 -3.31 24.59 13.58
C LYS B 215 -3.76 24.19 14.99
N LYS B 216 -4.09 25.20 15.80
CA LYS B 216 -4.63 24.93 17.13
C LYS B 216 -6.08 24.45 17.02
N ILE B 217 -6.41 23.38 17.76
CA ILE B 217 -7.79 22.88 17.76
C ILE B 217 -8.55 23.60 18.87
N VAL B 218 -9.58 24.33 18.46
CA VAL B 218 -10.40 25.07 19.40
C VAL B 218 -11.85 24.60 19.26
N PRO B 219 -12.63 24.65 20.35
CA PRO B 219 -14.05 24.34 20.25
C PRO B 219 -14.78 25.17 19.18
N ARG B 220 -15.80 24.58 18.59
CA ARG B 220 -16.45 25.11 17.38
C ARG B 220 -17.34 26.33 17.60
N ASP C 1 0.58 -20.14 -25.09
CA ASP C 1 1.25 -21.00 -24.05
C ASP C 1 2.75 -20.75 -23.93
N ALA C 2 3.17 -19.50 -24.15
CA ALA C 2 4.60 -19.17 -24.14
C ALA C 2 5.29 -19.49 -22.81
N GLU C 3 6.33 -20.32 -22.86
CA GLU C 3 7.15 -20.62 -21.69
C GLU C 3 8.28 -19.61 -21.51
N PHE C 4 8.65 -19.35 -20.25
CA PHE C 4 9.78 -18.46 -19.97
C PHE C 4 11.06 -19.29 -20.10
N ARG C 5 12.18 -18.61 -20.34
CA ARG C 5 13.45 -19.28 -20.56
C ARG C 5 14.16 -19.68 -19.26
N HIS C 6 14.69 -20.91 -19.21
CA HIS C 6 15.37 -21.41 -18.03
C HIS C 6 16.69 -22.15 -18.30
N ASP C 7 17.28 -21.88 -19.46
CA ASP C 7 18.54 -22.51 -19.84
C ASP C 7 19.28 -21.58 -20.80
#